data_6RHA
# 
_entry.id   6RHA 
# 
_audit_conform.dict_name       mmcif_pdbx.dic 
_audit_conform.dict_version    5.391 
_audit_conform.dict_location   http://mmcif.pdb.org/dictionaries/ascii/mmcif_pdbx.dic 
# 
loop_
_database_2.database_id 
_database_2.database_code 
_database_2.pdbx_database_accession 
_database_2.pdbx_DOI 
PDB   6RHA         pdb_00006rha 10.2210/pdb6rha/pdb 
WWPDB D_1292101956 ?            ?                   
# 
loop_
_pdbx_audit_revision_history.ordinal 
_pdbx_audit_revision_history.data_content_type 
_pdbx_audit_revision_history.major_revision 
_pdbx_audit_revision_history.minor_revision 
_pdbx_audit_revision_history.revision_date 
1 'Structure model' 1 0 2020-03-25 
2 'Structure model' 1 1 2024-05-01 
# 
_pdbx_audit_revision_details.ordinal             1 
_pdbx_audit_revision_details.revision_ordinal    1 
_pdbx_audit_revision_details.data_content_type   'Structure model' 
_pdbx_audit_revision_details.provider            repository 
_pdbx_audit_revision_details.type                'Initial release' 
_pdbx_audit_revision_details.description         ? 
_pdbx_audit_revision_details.details             ? 
# 
loop_
_pdbx_audit_revision_group.ordinal 
_pdbx_audit_revision_group.revision_ordinal 
_pdbx_audit_revision_group.data_content_type 
_pdbx_audit_revision_group.group 
1 2 'Structure model' 'Data collection'        
2 2 'Structure model' 'Database references'    
3 2 'Structure model' 'Refinement description' 
# 
loop_
_pdbx_audit_revision_category.ordinal 
_pdbx_audit_revision_category.revision_ordinal 
_pdbx_audit_revision_category.data_content_type 
_pdbx_audit_revision_category.category 
1 2 'Structure model' chem_comp_atom                
2 2 'Structure model' chem_comp_bond                
3 2 'Structure model' database_2                    
4 2 'Structure model' pdbx_initial_refinement_model 
# 
loop_
_pdbx_audit_revision_item.ordinal 
_pdbx_audit_revision_item.revision_ordinal 
_pdbx_audit_revision_item.data_content_type 
_pdbx_audit_revision_item.item 
1 2 'Structure model' '_database_2.pdbx_DOI'                
2 2 'Structure model' '_database_2.pdbx_database_accession' 
# 
_pdbx_database_status.status_code                     REL 
_pdbx_database_status.status_code_sf                  REL 
_pdbx_database_status.status_code_mr                  ? 
_pdbx_database_status.entry_id                        6RHA 
_pdbx_database_status.recvd_initial_deposition_date   2019-04-19 
_pdbx_database_status.SG_entry                        N 
_pdbx_database_status.deposit_site                    PDBE 
_pdbx_database_status.process_site                    PDBE 
_pdbx_database_status.status_code_cs                  ? 
_pdbx_database_status.methods_development_category    ? 
_pdbx_database_status.pdb_format_compatible           Y 
_pdbx_database_status.status_code_nmr_data            ? 
# 
loop_
_audit_author.name 
_audit_author.pdbx_ordinal 
_audit_author.identifier_ORCID 
'Landau, M.' 1 0000-0002-1743-3430 
'Perov, S.'  2 ?                   
# 
_citation.abstract                  ? 
_citation.abstract_id_CAS           ? 
_citation.book_id_ISBN              ? 
_citation.book_publisher            ? 
_citation.book_publisher_city       ? 
_citation.book_title                ? 
_citation.coordinate_linkage        ? 
_citation.country                   ? 
_citation.database_id_Medline       ? 
_citation.details                   ? 
_citation.id                        primary 
_citation.journal_abbrev            'To be published' 
_citation.journal_id_ASTM           ? 
_citation.journal_id_CSD            0353 
_citation.journal_id_ISSN           ? 
_citation.journal_full              ? 
_citation.journal_issue             ? 
_citation.journal_volume            ? 
_citation.language                  ? 
_citation.page_first                ? 
_citation.page_last                 ? 
_citation.title                     
'Amyloid structures from a Candida albicans adhesin Structure and conservation of amyloid spines from fungal adhesins' 
_citation.year                      ? 
_citation.database_id_CSD           ? 
_citation.pdbx_database_id_DOI      ? 
_citation.pdbx_database_id_PubMed   ? 
_citation.unpublished_flag          ? 
# 
loop_
_citation_author.citation_id 
_citation_author.name 
_citation_author.ordinal 
_citation_author.identifier_ORCID 
primary 'Perov, S.'   1 ? 
primary 'Landau, M.'  2 ? 
primary 'Lipke, P.N.' 3 ? 
# 
loop_
_entity.id 
_entity.type 
_entity.src_method 
_entity.pdbx_description 
_entity.formula_weight 
_entity.pdbx_number_of_molecules 
_entity.pdbx_ec 
_entity.pdbx_mutation 
_entity.pdbx_fragment 
_entity.details 
1 polymer syn 'Agglutinin-like protein 5' 694.733 2 ? ? 
'Amyloid spine segment NTVTFN from Als5 (residues 156-161) secreted by Candida albicans' ? 
2 water   nat water                       18.015  5 ? ? ? ? 
# 
_entity_name_com.entity_id   1 
_entity_name_com.name        'Adhesin 5' 
# 
_entity_poly.entity_id                      1 
_entity_poly.type                           'polypeptide(L)' 
_entity_poly.nstd_linkage                   no 
_entity_poly.nstd_monomer                   no 
_entity_poly.pdbx_seq_one_letter_code       NTVTFN 
_entity_poly.pdbx_seq_one_letter_code_can   NTVTFN 
_entity_poly.pdbx_strand_id                 B,A 
_entity_poly.pdbx_target_identifier         ? 
# 
_pdbx_entity_nonpoly.entity_id   2 
_pdbx_entity_nonpoly.name        water 
_pdbx_entity_nonpoly.comp_id     HOH 
# 
loop_
_entity_poly_seq.entity_id 
_entity_poly_seq.num 
_entity_poly_seq.mon_id 
_entity_poly_seq.hetero 
1 1 ASN n 
1 2 THR n 
1 3 VAL n 
1 4 THR n 
1 5 PHE n 
1 6 ASN n 
# 
_pdbx_entity_src_syn.entity_id              1 
_pdbx_entity_src_syn.pdbx_src_id            1 
_pdbx_entity_src_syn.pdbx_alt_source_flag   sample 
_pdbx_entity_src_syn.pdbx_beg_seq_num       1 
_pdbx_entity_src_syn.pdbx_end_seq_num       6 
_pdbx_entity_src_syn.organism_scientific    'Candida albicans' 
_pdbx_entity_src_syn.organism_common_name   Yeast 
_pdbx_entity_src_syn.ncbi_taxonomy_id       5476 
_pdbx_entity_src_syn.details                'NTVTFN from Als5, synthesized' 
# 
loop_
_chem_comp.id 
_chem_comp.type 
_chem_comp.mon_nstd_flag 
_chem_comp.name 
_chem_comp.pdbx_synonyms 
_chem_comp.formula 
_chem_comp.formula_weight 
ASN 'L-peptide linking' y ASPARAGINE    ? 'C4 H8 N2 O3' 132.118 
HOH non-polymer         . WATER         ? 'H2 O'        18.015  
PHE 'L-peptide linking' y PHENYLALANINE ? 'C9 H11 N O2' 165.189 
THR 'L-peptide linking' y THREONINE     ? 'C4 H9 N O3'  119.119 
VAL 'L-peptide linking' y VALINE        ? 'C5 H11 N O2' 117.146 
# 
loop_
_pdbx_poly_seq_scheme.asym_id 
_pdbx_poly_seq_scheme.entity_id 
_pdbx_poly_seq_scheme.seq_id 
_pdbx_poly_seq_scheme.mon_id 
_pdbx_poly_seq_scheme.ndb_seq_num 
_pdbx_poly_seq_scheme.pdb_seq_num 
_pdbx_poly_seq_scheme.auth_seq_num 
_pdbx_poly_seq_scheme.pdb_mon_id 
_pdbx_poly_seq_scheme.auth_mon_id 
_pdbx_poly_seq_scheme.pdb_strand_id 
_pdbx_poly_seq_scheme.pdb_ins_code 
_pdbx_poly_seq_scheme.hetero 
A 1 1 ASN 1 1 1 ASN ASN B . n 
A 1 2 THR 2 2 2 THR THR B . n 
A 1 3 VAL 3 3 3 VAL VAL B . n 
A 1 4 THR 4 4 4 THR THR B . n 
A 1 5 PHE 5 5 5 PHE PHE B . n 
A 1 6 ASN 6 6 6 ASN ASN B . n 
B 1 1 ASN 1 1 1 ASN ASN A . n 
B 1 2 THR 2 2 2 THR THR A . n 
B 1 3 VAL 3 3 3 VAL VAL A . n 
B 1 4 THR 4 4 4 THR THR A . n 
B 1 5 PHE 5 5 5 PHE PHE A . n 
B 1 6 ASN 6 6 6 ASN ASN A . n 
# 
loop_
_pdbx_nonpoly_scheme.asym_id 
_pdbx_nonpoly_scheme.entity_id 
_pdbx_nonpoly_scheme.mon_id 
_pdbx_nonpoly_scheme.ndb_seq_num 
_pdbx_nonpoly_scheme.pdb_seq_num 
_pdbx_nonpoly_scheme.auth_seq_num 
_pdbx_nonpoly_scheme.pdb_mon_id 
_pdbx_nonpoly_scheme.auth_mon_id 
_pdbx_nonpoly_scheme.pdb_strand_id 
_pdbx_nonpoly_scheme.pdb_ins_code 
C 2 HOH 1 101 2 HOH HOH A . 
C 2 HOH 2 102 1 HOH HOH A . 
C 2 HOH 3 103 7 HOH HOH A . 
C 2 HOH 4 104 5 HOH HOH A . 
C 2 HOH 5 105 6 HOH HOH A . 
# 
loop_
_software.citation_id 
_software.classification 
_software.compiler_name 
_software.compiler_version 
_software.contact_author 
_software.contact_author_email 
_software.date 
_software.description 
_software.dependencies 
_software.hardware 
_software.language 
_software.location 
_software.mods 
_software.name 
_software.os 
_software.os_version 
_software.type 
_software.version 
_software.pdbx_ordinal 
? 'data reduction'  ? ? 'Wolfgang Kabsch'    Wolfgang.Kabsch@mpimf-heidelberg.mpg.de ?                                 ? ? ? ? 
http://www.mpimf-heidelberg.mpg.de/~kabsch/xds/                             ? XDS         ? ? package .        1 
? 'data scaling'    ? ? 'Wolfgang Kabsch'    ?                                       ?                                 ? ? ? ? 
http://www.mpimf-heidelberg.mpg.de/~kabsch/xds/html_doc/xscale_program.html ? XSCALE      ? ? package .        2 
? phasing           ? ? 'Randy J. Read'      cimr-phaser@lists.cam.ac.uk             'Mon Oct 28 16:20:56 2013 (svn )' ? ? ? ? 
http://www-structmed.cimr.cam.ac.uk/phaser/                                 ? PHASER      ? ? program 2.5.1    3 
? refinement        ? ? 'Garib N. Murshudov' garib@ysbl.york.ac.uk                   ?                                 ? ? ? 
Fortran_77 http://www.ccp4.ac.uk/dist/html/refmac5.html                                ? REFMAC      ? ? program 5.8.0238 4 
? 'data extraction' ? ? PDB                  deposit@deposit.rcsb.org                'Apr. 1, 2019'                    ? ? ? C++ 
http://sw-tools.pdb.org/apps/PDB_EXTRACT/                                   ? PDB_EXTRACT ? ? package 3.25     5 
# 
_cell.angle_alpha                  90.000 
_cell.angle_alpha_esd              ? 
_cell.angle_beta                   90.010 
_cell.angle_beta_esd               ? 
_cell.angle_gamma                  90.000 
_cell.angle_gamma_esd              ? 
_cell.entry_id                     6RHA 
_cell.details                      ? 
_cell.formula_units_Z              ? 
_cell.length_a                     4.870 
_cell.length_a_esd                 ? 
_cell.length_b                     39.810 
_cell.length_b_esd                 ? 
_cell.length_c                     20.260 
_cell.length_c_esd                 ? 
_cell.volume                       ? 
_cell.volume_esd                   ? 
_cell.Z_PDB                        4 
_cell.reciprocal_angle_alpha       ? 
_cell.reciprocal_angle_beta        ? 
_cell.reciprocal_angle_gamma       ? 
_cell.reciprocal_angle_alpha_esd   ? 
_cell.reciprocal_angle_beta_esd    ? 
_cell.reciprocal_angle_gamma_esd   ? 
_cell.reciprocal_length_a          ? 
_cell.reciprocal_length_b          ? 
_cell.reciprocal_length_c          ? 
_cell.reciprocal_length_a_esd      ? 
_cell.reciprocal_length_b_esd      ? 
_cell.reciprocal_length_c_esd      ? 
_cell.pdbx_unique_axis             ? 
# 
_symmetry.entry_id                         6RHA 
_symmetry.cell_setting                     ? 
_symmetry.Int_Tables_number                4 
_symmetry.space_group_name_Hall            ? 
_symmetry.space_group_name_H-M             'P 1 21 1' 
_symmetry.pdbx_full_space_group_name_H-M   ? 
# 
_exptl.absorpt_coefficient_mu     ? 
_exptl.absorpt_correction_T_max   ? 
_exptl.absorpt_correction_T_min   ? 
_exptl.absorpt_correction_type    ? 
_exptl.absorpt_process_details    ? 
_exptl.entry_id                   6RHA 
_exptl.crystals_number            1 
_exptl.details                    ? 
_exptl.method                     'X-RAY DIFFRACTION' 
_exptl.method_details             ? 
# 
_exptl_crystal.colour                      ? 
_exptl_crystal.density_diffrn              ? 
_exptl_crystal.density_Matthews            ? 
_exptl_crystal.density_method              ? 
_exptl_crystal.density_percent_sol         ? 
_exptl_crystal.description                 ? 
_exptl_crystal.F_000                       ? 
_exptl_crystal.id                          1 
_exptl_crystal.preparation                 ? 
_exptl_crystal.size_max                    ? 
_exptl_crystal.size_mid                    ? 
_exptl_crystal.size_min                    ? 
_exptl_crystal.size_rad                    ? 
_exptl_crystal.colour_lustre               ? 
_exptl_crystal.colour_modifier             ? 
_exptl_crystal.colour_primary              ? 
_exptl_crystal.density_meas                ? 
_exptl_crystal.density_meas_esd            ? 
_exptl_crystal.density_meas_gt             ? 
_exptl_crystal.density_meas_lt             ? 
_exptl_crystal.density_meas_temp           ? 
_exptl_crystal.density_meas_temp_esd       ? 
_exptl_crystal.density_meas_temp_gt        ? 
_exptl_crystal.density_meas_temp_lt        ? 
_exptl_crystal.pdbx_crystal_image_url      ? 
_exptl_crystal.pdbx_crystal_image_format   ? 
_exptl_crystal.pdbx_mosaicity              ? 
_exptl_crystal.pdbx_mosaicity_esd          ? 
# 
_exptl_crystal_grow.apparatus       ? 
_exptl_crystal_grow.atmosphere      ? 
_exptl_crystal_grow.crystal_id      1 
_exptl_crystal_grow.details         ? 
_exptl_crystal_grow.method          'VAPOR DIFFUSION, HANGING DROP' 
_exptl_crystal_grow.method_ref      ? 
_exptl_crystal_grow.pH              7.5 
_exptl_crystal_grow.pressure        ? 
_exptl_crystal_grow.pressure_esd    ? 
_exptl_crystal_grow.seeding         ? 
_exptl_crystal_grow.seeding_ref     ? 
_exptl_crystal_grow.temp            293 
_exptl_crystal_grow.temp_details    ? 
_exptl_crystal_grow.temp_esd        ? 
_exptl_crystal_grow.time            ? 
_exptl_crystal_grow.pdbx_details    'Reservoir contained 0.1M HEPES 7.5 pH, 0.8 M NaH2PO4, and 0.8M KH2PO4' 
_exptl_crystal_grow.pdbx_pH_range   ? 
# 
_diffrn.ambient_environment              ? 
_diffrn.ambient_temp                     100 
_diffrn.ambient_temp_details             ? 
_diffrn.ambient_temp_esd                 ? 
_diffrn.crystal_id                       1 
_diffrn.crystal_support                  ? 
_diffrn.crystal_treatment                ? 
_diffrn.details                          ? 
_diffrn.id                               1 
_diffrn.ambient_pressure                 ? 
_diffrn.ambient_pressure_esd             ? 
_diffrn.ambient_pressure_gt              ? 
_diffrn.ambient_pressure_lt              ? 
_diffrn.ambient_temp_gt                  ? 
_diffrn.ambient_temp_lt                  ? 
_diffrn.pdbx_serial_crystal_experiment   N 
# 
_diffrn_detector.details                      ? 
_diffrn_detector.detector                     PIXEL 
_diffrn_detector.diffrn_id                    1 
_diffrn_detector.type                         'DECTRIS PILATUS3 2M' 
_diffrn_detector.area_resol_mean              ? 
_diffrn_detector.dtime                        ? 
_diffrn_detector.pdbx_frames_total            ? 
_diffrn_detector.pdbx_collection_time_total   ? 
_diffrn_detector.pdbx_collection_date         2015-05-10 
_diffrn_detector.pdbx_frequency               ? 
# 
_diffrn_radiation.collimation                      ? 
_diffrn_radiation.diffrn_id                        1 
_diffrn_radiation.filter_edge                      ? 
_diffrn_radiation.inhomogeneity                    ? 
_diffrn_radiation.monochromator                    ? 
_diffrn_radiation.polarisn_norm                    ? 
_diffrn_radiation.polarisn_ratio                   ? 
_diffrn_radiation.probe                            ? 
_diffrn_radiation.type                             ? 
_diffrn_radiation.xray_symbol                      ? 
_diffrn_radiation.wavelength_id                    1 
_diffrn_radiation.pdbx_monochromatic_or_laue_m_l   M 
_diffrn_radiation.pdbx_wavelength_list             ? 
_diffrn_radiation.pdbx_wavelength                  ? 
_diffrn_radiation.pdbx_diffrn_protocol             'SINGLE WAVELENGTH' 
_diffrn_radiation.pdbx_analyzer                    ? 
_diffrn_radiation.pdbx_scattering_type             x-ray 
# 
_diffrn_radiation_wavelength.id           1 
_diffrn_radiation_wavelength.wavelength   0.8729 
_diffrn_radiation_wavelength.wt           1.0 
# 
_diffrn_source.current                     ? 
_diffrn_source.details                     ? 
_diffrn_source.diffrn_id                   1 
_diffrn_source.power                       ? 
_diffrn_source.size                        ? 
_diffrn_source.source                      SYNCHROTRON 
_diffrn_source.target                      ? 
_diffrn_source.type                        'ESRF BEAMLINE ID23-2' 
_diffrn_source.voltage                     ? 
_diffrn_source.take-off_angle              ? 
_diffrn_source.pdbx_wavelength_list        0.8729 
_diffrn_source.pdbx_wavelength             ? 
_diffrn_source.pdbx_synchrotron_beamline   ID23-2 
_diffrn_source.pdbx_synchrotron_site       ESRF 
# 
_reflns.B_iso_Wilson_estimate            19.469 
_reflns.entry_id                         6RHA 
_reflns.data_reduction_details           ? 
_reflns.data_reduction_method            ? 
_reflns.d_resolution_high                1.600 
_reflns.d_resolution_low                 19.910 
_reflns.details                          ? 
_reflns.limit_h_max                      ? 
_reflns.limit_h_min                      ? 
_reflns.limit_k_max                      ? 
_reflns.limit_k_min                      ? 
_reflns.limit_l_max                      ? 
_reflns.limit_l_min                      ? 
_reflns.number_all                       ? 
_reflns.number_obs                       991 
_reflns.observed_criterion               ? 
_reflns.observed_criterion_F_max         ? 
_reflns.observed_criterion_F_min         ? 
_reflns.observed_criterion_I_max         ? 
_reflns.observed_criterion_I_min         ? 
_reflns.observed_criterion_sigma_F       ? 
_reflns.observed_criterion_sigma_I       ? 
_reflns.percent_possible_obs             98.200 
_reflns.R_free_details                   ? 
_reflns.Rmerge_F_all                     ? 
_reflns.Rmerge_F_obs                     ? 
_reflns.Friedel_coverage                 ? 
_reflns.number_gt                        ? 
_reflns.threshold_expression             ? 
_reflns.pdbx_redundancy                  14.280 
_reflns.pdbx_Rmerge_I_obs                0.270 
_reflns.pdbx_Rmerge_I_all                ? 
_reflns.pdbx_Rsym_value                  ? 
_reflns.pdbx_netI_over_av_sigmaI         ? 
_reflns.pdbx_netI_over_sigmaI            7.300 
_reflns.pdbx_res_netI_over_av_sigmaI_2   ? 
_reflns.pdbx_res_netI_over_sigmaI_2      ? 
_reflns.pdbx_chi_squared                 0.747 
_reflns.pdbx_scaling_rejects             28 
_reflns.pdbx_d_res_high_opt              ? 
_reflns.pdbx_d_res_low_opt               ? 
_reflns.pdbx_d_res_opt_method            ? 
_reflns.phase_calculation_details        ? 
_reflns.pdbx_Rrim_I_all                  0.280 
_reflns.pdbx_Rpim_I_all                  ? 
_reflns.pdbx_d_opt                       ? 
_reflns.pdbx_number_measured_all         14151 
_reflns.pdbx_diffrn_id                   1 
_reflns.pdbx_ordinal                     1 
_reflns.pdbx_CC_half                     0.975 
_reflns.pdbx_R_split                     ? 
# 
loop_
_reflns_shell.d_res_high 
_reflns_shell.d_res_low 
_reflns_shell.meanI_over_sigI_all 
_reflns_shell.meanI_over_sigI_obs 
_reflns_shell.number_measured_all 
_reflns_shell.number_measured_obs 
_reflns_shell.number_possible 
_reflns_shell.number_unique_all 
_reflns_shell.number_unique_obs 
_reflns_shell.percent_possible_all 
_reflns_shell.percent_possible_obs 
_reflns_shell.Rmerge_F_all 
_reflns_shell.Rmerge_F_obs 
_reflns_shell.Rmerge_I_all 
_reflns_shell.Rmerge_I_obs 
_reflns_shell.meanI_over_sigI_gt 
_reflns_shell.meanI_over_uI_all 
_reflns_shell.meanI_over_uI_gt 
_reflns_shell.number_measured_gt 
_reflns_shell.number_unique_gt 
_reflns_shell.percent_possible_gt 
_reflns_shell.Rmerge_F_gt 
_reflns_shell.Rmerge_I_gt 
_reflns_shell.pdbx_redundancy 
_reflns_shell.pdbx_Rsym_value 
_reflns_shell.pdbx_chi_squared 
_reflns_shell.pdbx_netI_over_sigmaI_all 
_reflns_shell.pdbx_netI_over_sigmaI_obs 
_reflns_shell.pdbx_Rrim_I_all 
_reflns_shell.pdbx_Rpim_I_all 
_reflns_shell.pdbx_rejects 
_reflns_shell.pdbx_ordinal 
_reflns_shell.pdbx_diffrn_id 
_reflns_shell.pdbx_CC_half 
_reflns_shell.pdbx_R_split 
1.600 1.690  ? 2.200  ? 893  140 ? 126 90.000  ? ? ? ? 1.005 ? ? ? ? ? ? ? ? 7.087  ? ? ? ? 1.084 ? ? 1  1 0.727 ? 
1.690 1.790  ? 2.910  ? 855  125 ? 125 100.000 ? ? ? ? 0.815 ? ? ? ? ? ? ? ? 6.840  ? ? ? ? 0.883 ? ? 2  1 0.747 ? 
1.790 1.910  ? 4.260  ? 2086 122 ? 122 100.000 ? ? ? ? 0.841 ? ? ? ? ? ? ? ? 17.098 ? ? ? ? 0.869 ? ? 3  1 0.946 ? 
1.910 2.070  ? 7.110  ? 2220 133 ? 133 100.000 ? ? ? ? 0.455 ? ? ? ? ? ? ? ? 16.692 ? ? ? ? 0.470 ? ? 4  1 0.958 ? 
2.070 2.260  ? 8.340  ? 2156 123 ? 123 100.000 ? ? ? ? 0.380 ? ? ? ? ? ? ? ? 17.528 ? ? ? ? 0.392 ? ? 5  1 0.982 ? 
2.260 2.530  ? 9.760  ? 1925 115 ? 113 98.300  ? ? ? ? 0.293 ? ? ? ? ? ? ? ? 17.035 ? ? ? ? 0.302 ? ? 6  1 0.992 ? 
2.530 2.920  ? 9.420  ? 1337 74  ? 74  100.000 ? ? ? ? 0.296 ? ? ? ? ? ? ? ? 18.068 ? ? ? ? 0.305 ? ? 7  1 0.985 ? 
2.920 3.580  ? 12.760 ? 1188 78  ? 78  100.000 ? ? ? ? 0.185 ? ? ? ? ? ? ? ? 15.231 ? ? ? ? 0.191 ? ? 8  1 0.995 ? 
3.580 5.060  ? 14.020 ? 1098 74  ? 73  98.600  ? ? ? ? 0.171 ? ? ? ? ? ? ? ? 15.041 ? ? ? ? 0.178 ? ? 9  1 0.961 ? 
5.060 19.910 ? 11.940 ? 393  25  ? 24  96.000  ? ? ? ? 0.145 ? ? ? ? ? ? ? ? 16.375 ? ? ? ? 0.151 ? ? 10 1 0.987 ? 
# 
_refine.aniso_B[1][1]                            -0.9900 
_refine.aniso_B[1][2]                            0.0000 
_refine.aniso_B[1][3]                            0.0500 
_refine.aniso_B[2][2]                            0.2100 
_refine.aniso_B[2][3]                            0.0000 
_refine.aniso_B[3][3]                            0.7800 
_refine.B_iso_max                                31.180 
_refine.B_iso_mean                               10.5620 
_refine.B_iso_min                                6.630 
_refine.correlation_coeff_Fo_to_Fc               0.9390 
_refine.correlation_coeff_Fo_to_Fc_free          0.9280 
_refine.details                                  
'HYDROGENS HAVE BEEN ADDED IN THE RIDING POSITIONS U VALUES      : REFINED INDIVIDUALLY' 
_refine.diff_density_max                         ? 
_refine.diff_density_max_esd                     ? 
_refine.diff_density_min                         ? 
_refine.diff_density_min_esd                     ? 
_refine.diff_density_rms                         ? 
_refine.diff_density_rms_esd                     ? 
_refine.entry_id                                 6RHA 
_refine.pdbx_refine_id                           'X-RAY DIFFRACTION' 
_refine.ls_abs_structure_details                 ? 
_refine.ls_abs_structure_Flack                   ? 
_refine.ls_abs_structure_Flack_esd               ? 
_refine.ls_abs_structure_Rogers                  ? 
_refine.ls_abs_structure_Rogers_esd              ? 
_refine.ls_d_res_high                            1.6000 
_refine.ls_d_res_low                             19.9100 
_refine.ls_extinction_coef                       ? 
_refine.ls_extinction_coef_esd                   ? 
_refine.ls_extinction_expression                 ? 
_refine.ls_extinction_method                     ? 
_refine.ls_goodness_of_fit_all                   ? 
_refine.ls_goodness_of_fit_all_esd               ? 
_refine.ls_goodness_of_fit_obs                   ? 
_refine.ls_goodness_of_fit_obs_esd               ? 
_refine.ls_hydrogen_treatment                    ? 
_refine.ls_matrix_type                           ? 
_refine.ls_number_constraints                    ? 
_refine.ls_number_parameters                     ? 
_refine.ls_number_reflns_all                     ? 
_refine.ls_number_reflns_obs                     891 
_refine.ls_number_reflns_R_free                  99 
_refine.ls_number_reflns_R_work                  ? 
_refine.ls_number_restraints                     ? 
_refine.ls_percent_reflns_obs                    97.9200 
_refine.ls_percent_reflns_R_free                 10.0000 
_refine.ls_R_factor_all                          ? 
_refine.ls_R_factor_obs                          0.1998 
_refine.ls_R_factor_R_free                       0.2128 
_refine.ls_R_factor_R_free_error                 ? 
_refine.ls_R_factor_R_free_error_details         ? 
_refine.ls_R_factor_R_work                       0.1984 
_refine.ls_R_Fsqd_factor_obs                     ? 
_refine.ls_R_I_factor_obs                        ? 
_refine.ls_redundancy_reflns_all                 ? 
_refine.ls_redundancy_reflns_obs                 ? 
_refine.ls_restrained_S_all                      ? 
_refine.ls_restrained_S_obs                      ? 
_refine.ls_shift_over_esd_max                    ? 
_refine.ls_shift_over_esd_mean                   ? 
_refine.ls_structure_factor_coef                 ? 
_refine.ls_weighting_details                     ? 
_refine.ls_weighting_scheme                      ? 
_refine.ls_wR_factor_all                         ? 
_refine.ls_wR_factor_obs                         ? 
_refine.ls_wR_factor_R_free                      ? 
_refine.ls_wR_factor_R_work                      ? 
_refine.occupancy_max                            ? 
_refine.occupancy_min                            ? 
_refine.solvent_model_details                    ? 
_refine.solvent_model_param_bsol                 ? 
_refine.solvent_model_param_ksol                 ? 
_refine.ls_R_factor_gt                           ? 
_refine.ls_goodness_of_fit_gt                    ? 
_refine.ls_goodness_of_fit_ref                   ? 
_refine.ls_shift_over_su_max                     ? 
_refine.ls_shift_over_su_max_lt                  ? 
_refine.ls_shift_over_su_mean                    ? 
_refine.ls_shift_over_su_mean_lt                 ? 
_refine.pdbx_ls_sigma_I                          ? 
_refine.pdbx_ls_sigma_F                          0.000 
_refine.pdbx_ls_sigma_Fsqd                       ? 
_refine.pdbx_data_cutoff_high_absF               ? 
_refine.pdbx_data_cutoff_high_rms_absF           ? 
_refine.pdbx_data_cutoff_low_absF                ? 
_refine.pdbx_isotropic_thermal_model             ? 
_refine.pdbx_ls_cross_valid_method               THROUGHOUT 
_refine.pdbx_method_to_determine_struct          'MOLECULAR REPLACEMENT' 
_refine.pdbx_starting_model                      'beta strand' 
_refine.pdbx_stereochemistry_target_values       ? 
_refine.pdbx_R_Free_selection_details            RANDOM 
_refine.pdbx_stereochem_target_val_spec_case     ? 
_refine.pdbx_overall_ESU_R                       0.1540 
_refine.pdbx_overall_ESU_R_Free                  0.1210 
_refine.pdbx_solvent_vdw_probe_radii             1.2000 
_refine.pdbx_solvent_ion_probe_radii             0.8000 
_refine.pdbx_solvent_shrinkage_radii             0.8000 
_refine.pdbx_real_space_R                        ? 
_refine.pdbx_density_correlation                 ? 
_refine.pdbx_pd_number_of_powder_patterns        ? 
_refine.pdbx_pd_number_of_points                 ? 
_refine.pdbx_pd_meas_number_of_points            ? 
_refine.pdbx_pd_proc_ls_prof_R_factor            ? 
_refine.pdbx_pd_proc_ls_prof_wR_factor           ? 
_refine.pdbx_pd_Marquardt_correlation_coeff      ? 
_refine.pdbx_pd_Fsqrd_R_factor                   ? 
_refine.pdbx_pd_ls_matrix_band_width             ? 
_refine.pdbx_overall_phase_error                 ? 
_refine.pdbx_overall_SU_R_free_Cruickshank_DPI   ? 
_refine.pdbx_overall_SU_R_free_Blow_DPI          ? 
_refine.pdbx_overall_SU_R_Blow_DPI               ? 
_refine.pdbx_TLS_residual_ADP_flag               ? 
_refine.pdbx_diffrn_id                           1 
_refine.overall_SU_B                             2.8930 
_refine.overall_SU_ML                            0.0930 
_refine.overall_SU_R_Cruickshank_DPI             0.1536 
_refine.overall_SU_R_free                        ? 
_refine.overall_FOM_free_R_set                   ? 
_refine.overall_FOM_work_R_set                   ? 
_refine.pdbx_average_fsc_overall                 ? 
_refine.pdbx_average_fsc_work                    ? 
_refine.pdbx_average_fsc_free                    ? 
# 
_refine_hist.pdbx_refine_id                   'X-RAY DIFFRACTION' 
_refine_hist.cycle_id                         final 
_refine_hist.details                          ? 
_refine_hist.d_res_high                       1.6000 
_refine_hist.d_res_low                        19.9100 
_refine_hist.number_atoms_solvent             5 
_refine_hist.number_atoms_total               103 
_refine_hist.number_reflns_all                ? 
_refine_hist.number_reflns_obs                ? 
_refine_hist.number_reflns_R_free             ? 
_refine_hist.number_reflns_R_work             ? 
_refine_hist.R_factor_all                     ? 
_refine_hist.R_factor_obs                     ? 
_refine_hist.R_factor_R_free                  ? 
_refine_hist.R_factor_R_work                  ? 
_refine_hist.pdbx_number_residues_total       12 
_refine_hist.pdbx_B_iso_mean_ligand           ? 
_refine_hist.pdbx_B_iso_mean_solvent          19.36 
_refine_hist.pdbx_number_atoms_protein        98 
_refine_hist.pdbx_number_atoms_nucleic_acid   0 
_refine_hist.pdbx_number_atoms_ligand         0 
_refine_hist.pdbx_number_atoms_lipid          ? 
_refine_hist.pdbx_number_atoms_carb           ? 
_refine_hist.pdbx_pseudo_atom_details         ? 
# 
loop_
_refine_ls_restr.pdbx_refine_id 
_refine_ls_restr.criterion 
_refine_ls_restr.dev_ideal 
_refine_ls_restr.dev_ideal_target 
_refine_ls_restr.number 
_refine_ls_restr.rejects 
_refine_ls_restr.type 
_refine_ls_restr.weight 
_refine_ls_restr.pdbx_restraint_function 
'X-RAY DIFFRACTION' ? 0.014  0.012  98  ? r_bond_refined_d       ? ? 
'X-RAY DIFFRACTION' ? 0.011  0.017  80  ? r_bond_other_d         ? ? 
'X-RAY DIFFRACTION' ? 1.634  1.739  134 ? r_angle_refined_deg    ? ? 
'X-RAY DIFFRACTION' ? 1.394  1.624  184 ? r_angle_other_deg      ? ? 
'X-RAY DIFFRACTION' ? 5.874  5.000  10  ? r_dihedral_angle_1_deg ? ? 
'X-RAY DIFFRACTION' ? 45.377 26.667 6   ? r_dihedral_angle_2_deg ? ? 
'X-RAY DIFFRACTION' ? 3.084  15.000 12  ? r_dihedral_angle_3_deg ? ? 
'X-RAY DIFFRACTION' ? 0.039  0.200  16  ? r_chiral_restr         ? ? 
'X-RAY DIFFRACTION' ? 0.007  0.020  116 ? r_gen_planes_refined   ? ? 
'X-RAY DIFFRACTION' ? 0.000  0.020  20  ? r_gen_planes_other     ? ? 
# 
_refine_ls_shell.pdbx_refine_id                   'X-RAY DIFFRACTION' 
_refine_ls_shell.d_res_high                       1.6010 
_refine_ls_shell.d_res_low                        1.6430 
_refine_ls_shell.number_reflns_all                60 
_refine_ls_shell.number_reflns_obs                ? 
_refine_ls_shell.number_reflns_R_free             6 
_refine_ls_shell.number_reflns_R_work             54 
_refine_ls_shell.percent_reflns_obs               77.9200 
_refine_ls_shell.percent_reflns_R_free            ? 
_refine_ls_shell.R_factor_all                     ? 
_refine_ls_shell.R_factor_obs                     ? 
_refine_ls_shell.R_factor_R_free                  0.2210 
_refine_ls_shell.R_factor_R_free_error            0.0000 
_refine_ls_shell.R_factor_R_work                  0.2900 
_refine_ls_shell.redundancy_reflns_all            ? 
_refine_ls_shell.redundancy_reflns_obs            ? 
_refine_ls_shell.wR_factor_all                    ? 
_refine_ls_shell.wR_factor_obs                    ? 
_refine_ls_shell.wR_factor_R_free                 ? 
_refine_ls_shell.wR_factor_R_work                 ? 
_refine_ls_shell.pdbx_total_number_of_bins_used   20 
_refine_ls_shell.pdbx_phase_error                 ? 
_refine_ls_shell.pdbx_fsc_work                    ? 
_refine_ls_shell.pdbx_fsc_free                    ? 
# 
_struct.entry_id                     6RHA 
_struct.title                        
'Crystal structure of the amyloid-like NTVTFN segment from the Candida albicans Agglutinin-like protein (Adhesin) 5' 
_struct.pdbx_model_details           Adhesin 
_struct.pdbx_formula_weight          ? 
_struct.pdbx_formula_weight_method   ? 
_struct.pdbx_model_type_details      ? 
_struct.pdbx_CASP_flag               N 
# 
_struct_keywords.entry_id        6RHA 
_struct_keywords.text            'Bacterial steric-zipper cross-beta amyloid fibril from Candida albicans, PROTEIN FIBRIL' 
_struct_keywords.pdbx_keywords   'PROTEIN FIBRIL' 
# 
loop_
_struct_asym.id 
_struct_asym.pdbx_blank_PDB_chainid_flag 
_struct_asym.pdbx_modified 
_struct_asym.entity_id 
_struct_asym.details 
A N N 1 ? 
B N N 1 ? 
C N N 2 ? 
# 
_struct_ref.id                         1 
_struct_ref.db_name                    UNP 
_struct_ref.db_code                    ALS5_CANAX 
_struct_ref.pdbx_db_accession          O13368 
_struct_ref.pdbx_db_isoform            ? 
_struct_ref.entity_id                  1 
_struct_ref.pdbx_seq_one_letter_code   NTVTFN 
_struct_ref.pdbx_align_begin           156 
# 
loop_
_struct_ref_seq.align_id 
_struct_ref_seq.ref_id 
_struct_ref_seq.pdbx_PDB_id_code 
_struct_ref_seq.pdbx_strand_id 
_struct_ref_seq.seq_align_beg 
_struct_ref_seq.pdbx_seq_align_beg_ins_code 
_struct_ref_seq.seq_align_end 
_struct_ref_seq.pdbx_seq_align_end_ins_code 
_struct_ref_seq.pdbx_db_accession 
_struct_ref_seq.db_align_beg 
_struct_ref_seq.pdbx_db_align_beg_ins_code 
_struct_ref_seq.db_align_end 
_struct_ref_seq.pdbx_db_align_end_ins_code 
_struct_ref_seq.pdbx_auth_seq_align_beg 
_struct_ref_seq.pdbx_auth_seq_align_end 
1 1 6RHA B 1 ? 6 ? O13368 156 ? 161 ? 1 6 
2 1 6RHA A 1 ? 6 ? O13368 156 ? 161 ? 1 6 
# 
_pdbx_struct_assembly.id                   1 
_pdbx_struct_assembly.details              author_defined_assembly 
_pdbx_struct_assembly.method_details       ? 
_pdbx_struct_assembly.oligomeric_details   octadecameric 
_pdbx_struct_assembly.oligomeric_count     18 
# 
_pdbx_struct_assembly_gen.assembly_id       1 
_pdbx_struct_assembly_gen.oper_expression   1,2,3,4,5,6,7,8,9 
_pdbx_struct_assembly_gen.asym_id_list      A,B,C 
# 
_pdbx_struct_assembly_auth_evidence.id                     1 
_pdbx_struct_assembly_auth_evidence.assembly_id            1 
_pdbx_struct_assembly_auth_evidence.experimental_support   'scanning transmission electron microscopy' 
_pdbx_struct_assembly_auth_evidence.details                ? 
# 
loop_
_pdbx_struct_oper_list.id 
_pdbx_struct_oper_list.type 
_pdbx_struct_oper_list.name 
_pdbx_struct_oper_list.symmetry_operation 
_pdbx_struct_oper_list.matrix[1][1] 
_pdbx_struct_oper_list.matrix[1][2] 
_pdbx_struct_oper_list.matrix[1][3] 
_pdbx_struct_oper_list.vector[1] 
_pdbx_struct_oper_list.matrix[2][1] 
_pdbx_struct_oper_list.matrix[2][2] 
_pdbx_struct_oper_list.matrix[2][3] 
_pdbx_struct_oper_list.vector[2] 
_pdbx_struct_oper_list.matrix[3][1] 
_pdbx_struct_oper_list.matrix[3][2] 
_pdbx_struct_oper_list.matrix[3][3] 
_pdbx_struct_oper_list.vector[3] 
1 'identity operation'         1_555 x,y,z   1.0000000000 0.0000000000 0.0000000000 0.0000000000   0.0000000000 1.0000000000 0.0000000000 0.0000000000  0.0000000000 0.0000000000 1.0000000000 0.0000000000   
2 'crystal symmetry operation' 1_155 x-4,y,z 1.0000000000 0.0000000000 0.0000000000 -15.2147989346 0.0000000000 1.0000000000 0.0000000000 -4.6956328641 0.0000000000 0.0000000000 1.0000000000 -11.2219127329 
3 'crystal symmetry operation' 1_255 x-3,y,z 1.0000000000 0.0000000000 0.0000000000 -11.4110992010 0.0000000000 1.0000000000 0.0000000000 -3.5217246481 0.0000000000 0.0000000000 1.0000000000 -8.4164345496  
4 'crystal symmetry operation' 1_355 x-2,y,z 1.0000000000 0.0000000000 0.0000000000 -7.6073994673  0.0000000000 1.0000000000 0.0000000000 -2.3478164321 0.0000000000 0.0000000000 1.0000000000 -5.6109563664  
5 'crystal symmetry operation' 1_455 x-1,y,z 1.0000000000 0.0000000000 0.0000000000 -3.8036997337  0.0000000000 1.0000000000 0.0000000000 -1.1739082160 0.0000000000 0.0000000000 1.0000000000 -2.8054781832  
6 'crystal symmetry operation' 1_655 x+1,y,z 1.0000000000 0.0000000000 0.0000000000 3.8036997337   0.0000000000 1.0000000000 0.0000000000 1.1739082160  0.0000000000 0.0000000000 1.0000000000 2.8054781832   
7 'crystal symmetry operation' 1_755 x+2,y,z 1.0000000000 0.0000000000 0.0000000000 7.6073994673   0.0000000000 1.0000000000 0.0000000000 2.3478164321  0.0000000000 0.0000000000 1.0000000000 5.6109563664   
8 'crystal symmetry operation' 1_855 x+3,y,z 1.0000000000 0.0000000000 0.0000000000 11.4110992010  0.0000000000 1.0000000000 0.0000000000 3.5217246481  0.0000000000 0.0000000000 1.0000000000 8.4164345496   
9 'crystal symmetry operation' 1_955 x+4,y,z 1.0000000000 0.0000000000 0.0000000000 15.2147989346  0.0000000000 1.0000000000 0.0000000000 4.6956328641  0.0000000000 0.0000000000 1.0000000000 11.2219127329 
# 
_pdbx_phasing_MR.entry_id                     6RHA 
_pdbx_phasing_MR.method_rotation              ? 
_pdbx_phasing_MR.method_translation           ? 
_pdbx_phasing_MR.model_details                'Phaser MODE: MR_AUTO' 
_pdbx_phasing_MR.R_factor                     ? 
_pdbx_phasing_MR.R_rigid_body                 ? 
_pdbx_phasing_MR.correlation_coeff_Fo_to_Fc   ? 
_pdbx_phasing_MR.correlation_coeff_Io_to_Ic   ? 
_pdbx_phasing_MR.d_res_high_rotation          1.600 
_pdbx_phasing_MR.d_res_low_rotation           19.910 
_pdbx_phasing_MR.d_res_high_translation       1.600 
_pdbx_phasing_MR.d_res_low_translation        19.910 
_pdbx_phasing_MR.packing                      0.000 
_pdbx_phasing_MR.reflns_percent_rotation      ? 
_pdbx_phasing_MR.reflns_percent_translation   ? 
_pdbx_phasing_MR.sigma_F_rotation             ? 
_pdbx_phasing_MR.sigma_F_translation          ? 
_pdbx_phasing_MR.sigma_I_rotation             ? 
_pdbx_phasing_MR.sigma_I_translation          ? 
# 
_phasing.method   MR 
# 
loop_
_chem_comp_atom.comp_id 
_chem_comp_atom.atom_id 
_chem_comp_atom.type_symbol 
_chem_comp_atom.pdbx_aromatic_flag 
_chem_comp_atom.pdbx_stereo_config 
_chem_comp_atom.pdbx_ordinal 
ASN N    N N N 1  
ASN CA   C N S 2  
ASN C    C N N 3  
ASN O    O N N 4  
ASN CB   C N N 5  
ASN CG   C N N 6  
ASN OD1  O N N 7  
ASN ND2  N N N 8  
ASN OXT  O N N 9  
ASN H    H N N 10 
ASN H2   H N N 11 
ASN HA   H N N 12 
ASN HB2  H N N 13 
ASN HB3  H N N 14 
ASN HD21 H N N 15 
ASN HD22 H N N 16 
ASN HXT  H N N 17 
HOH O    O N N 18 
HOH H1   H N N 19 
HOH H2   H N N 20 
PHE N    N N N 21 
PHE CA   C N S 22 
PHE C    C N N 23 
PHE O    O N N 24 
PHE CB   C N N 25 
PHE CG   C Y N 26 
PHE CD1  C Y N 27 
PHE CD2  C Y N 28 
PHE CE1  C Y N 29 
PHE CE2  C Y N 30 
PHE CZ   C Y N 31 
PHE OXT  O N N 32 
PHE H    H N N 33 
PHE H2   H N N 34 
PHE HA   H N N 35 
PHE HB2  H N N 36 
PHE HB3  H N N 37 
PHE HD1  H N N 38 
PHE HD2  H N N 39 
PHE HE1  H N N 40 
PHE HE2  H N N 41 
PHE HZ   H N N 42 
PHE HXT  H N N 43 
THR N    N N N 44 
THR CA   C N S 45 
THR C    C N N 46 
THR O    O N N 47 
THR CB   C N R 48 
THR OG1  O N N 49 
THR CG2  C N N 50 
THR OXT  O N N 51 
THR H    H N N 52 
THR H2   H N N 53 
THR HA   H N N 54 
THR HB   H N N 55 
THR HG1  H N N 56 
THR HG21 H N N 57 
THR HG22 H N N 58 
THR HG23 H N N 59 
THR HXT  H N N 60 
VAL N    N N N 61 
VAL CA   C N S 62 
VAL C    C N N 63 
VAL O    O N N 64 
VAL CB   C N N 65 
VAL CG1  C N N 66 
VAL CG2  C N N 67 
VAL OXT  O N N 68 
VAL H    H N N 69 
VAL H2   H N N 70 
VAL HA   H N N 71 
VAL HB   H N N 72 
VAL HG11 H N N 73 
VAL HG12 H N N 74 
VAL HG13 H N N 75 
VAL HG21 H N N 76 
VAL HG22 H N N 77 
VAL HG23 H N N 78 
VAL HXT  H N N 79 
# 
loop_
_chem_comp_bond.comp_id 
_chem_comp_bond.atom_id_1 
_chem_comp_bond.atom_id_2 
_chem_comp_bond.value_order 
_chem_comp_bond.pdbx_aromatic_flag 
_chem_comp_bond.pdbx_stereo_config 
_chem_comp_bond.pdbx_ordinal 
ASN N   CA   sing N N 1  
ASN N   H    sing N N 2  
ASN N   H2   sing N N 3  
ASN CA  C    sing N N 4  
ASN CA  CB   sing N N 5  
ASN CA  HA   sing N N 6  
ASN C   O    doub N N 7  
ASN C   OXT  sing N N 8  
ASN CB  CG   sing N N 9  
ASN CB  HB2  sing N N 10 
ASN CB  HB3  sing N N 11 
ASN CG  OD1  doub N N 12 
ASN CG  ND2  sing N N 13 
ASN ND2 HD21 sing N N 14 
ASN ND2 HD22 sing N N 15 
ASN OXT HXT  sing N N 16 
HOH O   H1   sing N N 17 
HOH O   H2   sing N N 18 
PHE N   CA   sing N N 19 
PHE N   H    sing N N 20 
PHE N   H2   sing N N 21 
PHE CA  C    sing N N 22 
PHE CA  CB   sing N N 23 
PHE CA  HA   sing N N 24 
PHE C   O    doub N N 25 
PHE C   OXT  sing N N 26 
PHE CB  CG   sing N N 27 
PHE CB  HB2  sing N N 28 
PHE CB  HB3  sing N N 29 
PHE CG  CD1  doub Y N 30 
PHE CG  CD2  sing Y N 31 
PHE CD1 CE1  sing Y N 32 
PHE CD1 HD1  sing N N 33 
PHE CD2 CE2  doub Y N 34 
PHE CD2 HD2  sing N N 35 
PHE CE1 CZ   doub Y N 36 
PHE CE1 HE1  sing N N 37 
PHE CE2 CZ   sing Y N 38 
PHE CE2 HE2  sing N N 39 
PHE CZ  HZ   sing N N 40 
PHE OXT HXT  sing N N 41 
THR N   CA   sing N N 42 
THR N   H    sing N N 43 
THR N   H2   sing N N 44 
THR CA  C    sing N N 45 
THR CA  CB   sing N N 46 
THR CA  HA   sing N N 47 
THR C   O    doub N N 48 
THR C   OXT  sing N N 49 
THR CB  OG1  sing N N 50 
THR CB  CG2  sing N N 51 
THR CB  HB   sing N N 52 
THR OG1 HG1  sing N N 53 
THR CG2 HG21 sing N N 54 
THR CG2 HG22 sing N N 55 
THR CG2 HG23 sing N N 56 
THR OXT HXT  sing N N 57 
VAL N   CA   sing N N 58 
VAL N   H    sing N N 59 
VAL N   H2   sing N N 60 
VAL CA  C    sing N N 61 
VAL CA  CB   sing N N 62 
VAL CA  HA   sing N N 63 
VAL C   O    doub N N 64 
VAL C   OXT  sing N N 65 
VAL CB  CG1  sing N N 66 
VAL CB  CG2  sing N N 67 
VAL CB  HB   sing N N 68 
VAL CG1 HG11 sing N N 69 
VAL CG1 HG12 sing N N 70 
VAL CG1 HG13 sing N N 71 
VAL CG2 HG21 sing N N 72 
VAL CG2 HG22 sing N N 73 
VAL CG2 HG23 sing N N 74 
VAL OXT HXT  sing N N 75 
# 
_pdbx_initial_refinement_model.accession_code   ? 
_pdbx_initial_refinement_model.id               1 
_pdbx_initial_refinement_model.entity_id_list   ? 
_pdbx_initial_refinement_model.type             other 
_pdbx_initial_refinement_model.source_name      ? 
_pdbx_initial_refinement_model.details          'beta strand' 
# 
_atom_sites.entry_id                    6RHA 
_atom_sites.fract_transf_matrix[1][1]   0.16037206 
_atom_sites.fract_transf_matrix[1][2]   0.04947288 
_atom_sites.fract_transf_matrix[1][3]   0.11831037 
_atom_sites.fract_transf_matrix[2][1]   -0.01457470 
_atom_sites.fract_transf_matrix[2][2]   0.01560350 
_atom_sites.fract_transf_matrix[2][3]   0.01323151 
_atom_sites.fract_transf_matrix[3][1]   -0.01139548 
_atom_sites.fract_transf_matrix[3][2]   -0.03680488 
_atom_sites.fract_transf_matrix[3][3]   0.03085055 
_atom_sites.fract_transf_vector[1]      1.515479 
_atom_sites.fract_transf_vector[2]      -0.144254 
_atom_sites.fract_transf_vector[3]      -0.250109 
# 
loop_
_atom_type.symbol 
C 
N 
O 
# 
loop_
_atom_site.group_PDB 
_atom_site.id 
_atom_site.type_symbol 
_atom_site.label_atom_id 
_atom_site.label_alt_id 
_atom_site.label_comp_id 
_atom_site.label_asym_id 
_atom_site.label_entity_id 
_atom_site.label_seq_id 
_atom_site.pdbx_PDB_ins_code 
_atom_site.Cartn_x 
_atom_site.Cartn_y 
_atom_site.Cartn_z 
_atom_site.occupancy 
_atom_site.B_iso_or_equiv 
_atom_site.pdbx_formal_charge 
_atom_site.auth_seq_id 
_atom_site.auth_comp_id 
_atom_site.auth_asym_id 
_atom_site.auth_atom_id 
_atom_site.pdbx_PDB_model_num 
ATOM   1   N N   . ASN A 1 1 ? 3.726  -6.888 -5.356 1.00 14.42 ? 1   ASN B N   1 
ATOM   2   C CA  . ASN A 1 1 ? 3.675  -6.117 -4.093 1.00 14.91 ? 1   ASN B CA  1 
ATOM   3   C C   . ASN A 1 1 ? 2.363  -6.381 -3.364 1.00 16.18 ? 1   ASN B C   1 
ATOM   4   O O   . ASN A 1 1 ? 1.373  -6.754 -4.027 1.00 16.24 ? 1   ASN B O   1 
ATOM   5   C CB  . ASN A 1 1 ? 3.676  -4.612 -4.287 1.00 15.34 ? 1   ASN B CB  1 
ATOM   6   C CG  . ASN A 1 1 ? 4.880  -4.082 -5.007 1.00 17.41 ? 1   ASN B CG  1 
ATOM   7   O OD1 . ASN A 1 1 ? 6.008  -4.288 -4.585 1.00 16.82 ? 1   ASN B OD1 1 
ATOM   8   N ND2 . ASN A 1 1 ? 4.624  -3.350 -6.075 1.00 21.34 ? 1   ASN B ND2 1 
ATOM   9   N N   . THR A 1 2 ? 2.313  -6.069 -2.067 1.00 15.06 ? 2   THR B N   1 
ATOM   10  C CA  . THR A 1 2 ? 1.136  -6.390 -1.222 1.00 14.75 ? 2   THR B CA  1 
ATOM   11  C C   . THR A 1 2 ? 0.827  -5.223 -0.297 1.00 11.89 ? 2   THR B C   1 
ATOM   12  O O   . THR A 1 2 ? 1.747  -4.715 0.291  1.00 10.96 ? 2   THR B O   1 
ATOM   13  C CB  . THR A 1 2 ? 1.388  -7.673 -0.433 1.00 17.78 ? 2   THR B CB  1 
ATOM   14  O OG1 . THR A 1 2 ? 1.706  -8.709 -1.369 1.00 20.04 ? 2   THR B OG1 1 
ATOM   15  C CG2 . THR A 1 2 ? 0.190  -8.049 0.414  1.00 19.51 ? 2   THR B CG2 1 
ATOM   16  N N   . VAL A 1 3 ? -0.432 -4.831 -0.190 1.00 9.35  ? 3   VAL B N   1 
ATOM   17  C CA  . VAL A 1 3 ? -0.833 -3.852 0.840  1.00 9.13  ? 3   VAL B CA  1 
ATOM   18  C C   . VAL A 1 3 ? -2.054 -4.419 1.560  1.00 8.76  ? 3   VAL B C   1 
ATOM   19  O O   . VAL A 1 3 ? -2.968 -4.914 0.899  1.00 8.11  ? 3   VAL B O   1 
ATOM   20  C CB  . VAL A 1 3 ? -1.131 -2.454 0.253  1.00 9.58  ? 3   VAL B CB  1 
ATOM   21  C CG1 . VAL A 1 3 ? -1.541 -1.444 1.329  1.00 9.46  ? 3   VAL B CG1 1 
ATOM   22  C CG2 . VAL A 1 3 ? 0.028  -1.930 -0.569 1.00 10.04 ? 3   VAL B CG2 1 
ATOM   23  N N   . THR A 1 4 ? -2.106 -4.232 2.890  1.00 8.41  ? 4   THR B N   1 
ATOM   24  C CA  . THR A 1 4 ? -3.267 -4.657 3.700  1.00 7.76  ? 4   THR B CA  1 
ATOM   25  C C   . THR A 1 4 ? -3.596 -3.513 4.629  1.00 7.89  ? 4   THR B C   1 
ATOM   26  O O   . THR A 1 4 ? -2.696 -3.102 5.316  1.00 7.19  ? 4   THR B O   1 
ATOM   27  C CB  . THR A 1 4 ? -2.985 -5.958 4.478  1.00 7.64  ? 4   THR B CB  1 
ATOM   28  O OG1 . THR A 1 4 ? -2.578 -7.029 3.586  1.00 7.41  ? 4   THR B OG1 1 
ATOM   29  C CG2 . THR A 1 4 ? -4.202 -6.380 5.275  1.00 7.45  ? 4   THR B CG2 1 
ATOM   30  N N   . PHE A 1 5 ? -4.838 -3.032 4.589  1.00 8.82  ? 5   PHE B N   1 
ATOM   31  C CA  . PHE A 1 5 ? -5.378 -1.950 5.457  1.00 10.09 ? 5   PHE B CA  1 
ATOM   32  C C   . PHE A 1 5 ? -6.307 -2.547 6.515  1.00 11.51 ? 5   PHE B C   1 
ATOM   33  O O   . PHE A 1 5 ? -7.429 -2.926 6.155  1.00 14.75 ? 5   PHE B O   1 
ATOM   34  C CB  . PHE A 1 5 ? -6.152 -0.903 4.644  1.00 10.62 ? 5   PHE B CB  1 
ATOM   35  C CG  . PHE A 1 5 ? -5.343 -0.172 3.601  1.00 10.77 ? 5   PHE B CG  1 
ATOM   36  C CD1 . PHE A 1 5 ? -4.627 0.977  3.908  1.00 10.82 ? 5   PHE B CD1 1 
ATOM   37  C CD2 . PHE A 1 5 ? -5.287 -0.632 2.298  1.00 11.33 ? 5   PHE B CD2 1 
ATOM   38  C CE1 . PHE A 1 5 ? -3.896 1.645  2.941  1.00 11.30 ? 5   PHE B CE1 1 
ATOM   39  C CE2 . PHE A 1 5 ? -4.550 0.035  1.331  1.00 12.30 ? 5   PHE B CE2 1 
ATOM   40  C CZ  . PHE A 1 5 ? -3.866 1.184  1.647  1.00 12.22 ? 5   PHE B CZ  1 
ATOM   41  N N   . ASN A 1 6 ? -5.866 -2.595 7.778  1.00 11.04 ? 6   ASN B N   1 
ATOM   42  C CA  . ASN A 1 6 ? -6.616 -3.191 8.917  1.00 12.36 ? 6   ASN B CA  1 
ATOM   43  C C   . ASN A 1 6 ? -7.048 -2.072 9.880  1.00 16.24 ? 6   ASN B C   1 
ATOM   44  O O   . ASN A 1 6 ? -7.385 -0.973 9.402  1.00 19.74 ? 6   ASN B O   1 
ATOM   45  C CB  . ASN A 1 6 ? -5.789 -4.247 9.665  1.00 11.86 ? 6   ASN B CB  1 
ATOM   46  C CG  . ASN A 1 6 ? -5.347 -5.409 8.797  1.00 10.74 ? 6   ASN B CG  1 
ATOM   47  O OD1 . ASN A 1 6 ? -4.154 -5.754 8.754  1.00 11.85 ? 6   ASN B OD1 1 
ATOM   48  N ND2 . ASN A 1 6 ? -6.288 -5.992 8.090  1.00 10.19 ? 6   ASN B ND2 1 
ATOM   49  O OXT . ASN A 1 6 ? -7.078 -2.228 11.148 1.00 18.84 ? 6   ASN B OXT 1 
ATOM   50  N N   . ASN B 1 1 ? -4.544 6.772  4.613  1.00 12.22 ? 1   ASN A N   1 
ATOM   51  C CA  . ASN B 1 1 ? -3.200 6.207  4.385  1.00 11.89 ? 1   ASN A CA  1 
ATOM   52  C C   . ASN B 1 1 ? -2.960 6.035  2.888  1.00 13.17 ? 1   ASN A C   1 
ATOM   53  O O   . ASN B 1 1 ? -3.901 5.676  2.152  1.00 12.89 ? 1   ASN A O   1 
ATOM   54  C CB  . ASN B 1 1 ? -3.028 4.829  4.993  1.00 12.01 ? 1   ASN A CB  1 
ATOM   55  C CG  . ASN B 1 1 ? -3.290 4.772  6.472  1.00 13.19 ? 1   ASN A CG  1 
ATOM   56  O OD1 . ASN B 1 1 ? -4.149 4.028  6.941  1.00 17.15 ? 1   ASN A OD1 1 
ATOM   57  N ND2 . ASN B 1 1 ? -2.530 5.505  7.222  1.00 11.70 ? 1   ASN A ND2 1 
ATOM   58  N N   . THR B 1 2 ? -1.725 6.263  2.466  1.00 13.17 ? 2   THR A N   1 
ATOM   59  C CA  . THR B 1 2 ? -1.338 6.307  1.036  1.00 13.18 ? 2   THR A CA  1 
ATOM   60  C C   . THR B 1 2 ? -0.140 5.404  0.782  1.00 11.47 ? 2   THR A C   1 
ATOM   61  O O   . THR B 1 2 ? 0.835  5.417  1.543  1.00 10.53 ? 2   THR A O   1 
ATOM   62  C CB  . THR B 1 2 ? -1.001 7.732  0.591  1.00 15.50 ? 2   THR A CB  1 
ATOM   63  O OG1 . THR B 1 2 ? -2.070 8.625  0.937  1.00 18.84 ? 2   THR A OG1 1 
ATOM   64  C CG2 . THR B 1 2 ? -0.751 7.763  -0.900 1.00 16.93 ? 2   THR A CG2 1 
ATOM   65  N N   . VAL B 1 3 ? -0.185 4.696  -0.323 1.00 9.52  ? 3   VAL A N   1 
ATOM   66  C CA  . VAL B 1 3 ? 0.971  3.899  -0.725 1.00 9.35  ? 3   VAL A CA  1 
ATOM   67  C C   . VAL B 1 3 ? 1.156  4.115  -2.232 1.00 8.64  ? 3   VAL A C   1 
ATOM   68  O O   . VAL B 1 3 ? 0.171  4.045  -2.968 1.00 8.38  ? 3   VAL A O   1 
ATOM   69  C CB  . VAL B 1 3 ? 0.769  2.426  -0.351 1.00 9.72  ? 3   VAL A CB  1 
ATOM   70  C CG1 . VAL B 1 3 ? 1.956  1.594  -0.813 1.00 10.03 ? 3   VAL A CG1 1 
ATOM   71  C CG2 . VAL B 1 3 ? 0.486  2.261  1.138  1.00 10.22 ? 3   VAL A CG2 1 
ATOM   72  N N   . THR B 1 4 ? 2.393  4.399  -2.651 1.00 8.13  ? 4   THR A N   1 
ATOM   73  C CA  . THR B 1 4 ? 2.749  4.523  -4.082 1.00 7.74  ? 4   THR A CA  1 
ATOM   74  C C   . THR B 1 4 ? 3.917  3.603  -4.322 1.00 7.87  ? 4   THR A C   1 
ATOM   75  O O   . THR B 1 4 ? 4.880  3.753  -3.606 1.00 7.90  ? 4   THR A O   1 
ATOM   76  C CB  . THR B 1 4 ? 3.072  5.973  -4.462 1.00 7.53  ? 4   THR A CB  1 
ATOM   77  O OG1 . THR B 1 4 ? 1.961  6.802  -4.035 1.00 6.99  ? 4   THR A OG1 1 
ATOM   78  C CG2 . THR B 1 4 ? 3.347  6.050  -5.952 1.00 7.55  ? 4   THR A CG2 1 
ATOM   79  N N   . PHE B 1 5 ? 3.787  2.697  -5.281 1.00 8.63  ? 5   PHE A N   1 
ATOM   80  C CA  . PHE B 1 5 ? 4.874  1.827  -5.783 1.00 9.66  ? 5   PHE A CA  1 
ATOM   81  C C   . PHE B 1 5 ? 5.362  2.412  -7.110 1.00 10.46 ? 5   PHE A C   1 
ATOM   82  O O   . PHE B 1 5 ? 4.572  2.405  -8.067 1.00 12.06 ? 5   PHE A O   1 
ATOM   83  C CB  . PHE B 1 5 ? 4.391  0.376  -5.967 1.00 10.42 ? 5   PHE A CB  1 
ATOM   84  C CG  . PHE B 1 5 ? 3.904  -0.293 -4.707 1.00 11.09 ? 5   PHE A CG  1 
ATOM   85  C CD1 . PHE B 1 5 ? 4.778  -0.933 -3.845 1.00 12.16 ? 5   PHE A CD1 1 
ATOM   86  C CD2 . PHE B 1 5 ? 2.571  -0.260 -4.347 1.00 11.94 ? 5   PHE A CD2 1 
ATOM   87  C CE1 . PHE B 1 5 ? 4.332  -1.501 -2.659 1.00 11.76 ? 5   PHE A CE1 1 
ATOM   88  C CE2 . PHE B 1 5 ? 2.127  -0.837 -3.165 1.00 12.80 ? 5   PHE A CE2 1 
ATOM   89  C CZ  . PHE B 1 5 ? 3.012  -1.470 -2.316 1.00 12.46 ? 5   PHE A CZ  1 
ATOM   90  N N   . ASN B 1 6 ? 6.624  2.860  -7.183 1.00 10.15 ? 6   ASN A N   1 
ATOM   91  C CA  . ASN B 1 6 ? 7.228  3.393  -8.429 1.00 10.52 ? 6   ASN A CA  1 
ATOM   92  C C   . ASN B 1 6 ? 8.351  2.437  -8.879 1.00 12.52 ? 6   ASN A C   1 
ATOM   93  O O   . ASN B 1 6 ? 8.215  1.192  -8.762 0.50 12.77 ? 6   ASN A O   1 
ATOM   94  C CB  . ASN B 1 6 ? 7.722  4.831  -8.263 1.00 10.14 ? 6   ASN A CB  1 
ATOM   95  C CG  . ASN B 1 6 ? 6.658  5.827  -7.834 1.00 10.00 ? 6   ASN A CG  1 
ATOM   96  O OD1 . ASN B 1 6 ? 6.823  6.531  -6.818 1.00 11.03 ? 6   ASN A OD1 1 
ATOM   97  N ND2 . ASN B 1 6 ? 5.575  5.915  -8.577 1.00 9.29  ? 6   ASN A ND2 1 
ATOM   98  O OXT . ASN B 1 6 ? 9.422  2.878  -9.381 0.50 12.70 ? 6   ASN A OXT 1 
HETATM 99  O O   . HOH C 2 . ? 2.589  7.467  -1.539 1.00 6.63  ? 101 HOH A O   1 
HETATM 100 O O   . HOH C 2 . ? 4.823  8.415  -9.118 1.00 9.17  ? 102 HOH A O   1 
HETATM 101 O O   . HOH C 2 . ? 8.013  0.091  -6.325 1.00 31.18 ? 103 HOH A O   1 
HETATM 102 O O   . HOH C 2 . ? 6.909  -1.226 -8.975 1.00 29.91 ? 104 HOH A O   1 
HETATM 103 O O   . HOH C 2 . ? 11.399 4.926  -9.229 1.00 19.90 ? 105 HOH A O   1 
# 
